data_4TWZ
#
_entry.id   4TWZ
#
_cell.length_a   103.719
_cell.length_b   103.719
_cell.length_c   72.061
_cell.angle_alpha   90.00
_cell.angle_beta   90.00
_cell.angle_gamma   120.00
#
_symmetry.space_group_name_H-M   'P 61'
#
loop_
_entity.id
_entity.type
_entity.pdbx_description
1 polymer 'Protein RecA'
2 non-polymer 'MAGNESIUM ION'
3 water water
#
_entity_poly.entity_id   1
_entity_poly.type   'polypeptide(L)'
_entity_poly.pdbx_seq_one_letter_code
;AIDENKQKALAAALGQIEKQFGKGSIMRLGEDRSMDVETISTGSLSLDIALGAGGLPMGRIVEIYGPESSGKTTLTLQVI
AAAQREGKTCAFIDAEHALDPIYARKLGVDIDNLLCSQPDTGEQALEICDALARSGAVDVIVVDSVAALTPKAEIEGEIG
DSHMGLAARMMSQAMRKLAGNLKQSNTLLIFINQIRMKIGVMFGNPETTTGGNALKFYASVRLDIRRIGAVKEGENVVGS
ETRVKVVKNKIAAPFKQAEFQILYGEGINFYGELVDLGVKEKLIEKAGAWYSYKGEKIGQGKANATAWLKDNPETAKEIE
KKVRELLLSNPNSTPDFSVDDSEGVAETNEDF
;
_entity_poly.pdbx_strand_id   A
#
loop_
_chem_comp.id
_chem_comp.type
_chem_comp.name
_chem_comp.formula
MG non-polymer 'MAGNESIUM ION' 'Mg 2'
#
# COMPACT_ATOMS: atom_id res chain seq x y z
N LYS A 6 28.08 -21.45 10.59
CA LYS A 6 28.91 -20.21 10.60
C LYS A 6 28.13 -18.92 10.97
N GLN A 7 27.42 -18.95 12.10
CA GLN A 7 26.61 -17.81 12.55
C GLN A 7 27.35 -16.47 12.39
N LYS A 8 28.58 -16.42 12.91
CA LYS A 8 29.40 -15.21 12.83
C LYS A 8 29.81 -14.93 11.39
N ALA A 9 30.19 -15.98 10.65
CA ALA A 9 30.60 -15.77 9.27
C ALA A 9 29.40 -15.26 8.48
N LEU A 10 28.22 -15.76 8.84
CA LEU A 10 27.00 -15.33 8.16
C LEU A 10 26.89 -13.82 8.30
N ALA A 11 26.79 -13.38 9.55
CA ALA A 11 26.68 -11.97 9.88
C ALA A 11 27.69 -11.12 9.12
N ALA A 12 28.93 -11.56 9.06
CA ALA A 12 29.93 -10.77 8.36
C ALA A 12 29.58 -10.77 6.88
N ALA A 13 29.17 -11.95 6.40
CA ALA A 13 28.81 -12.14 5.00
C ALA A 13 27.66 -11.22 4.66
N LEU A 14 26.60 -11.31 5.47
CA LEU A 14 25.42 -10.50 5.30
C LEU A 14 25.80 -9.05 5.39
N GLY A 15 26.48 -8.70 6.48
CA GLY A 15 26.91 -7.34 6.66
C GLY A 15 27.68 -6.93 5.42
N GLN A 16 28.58 -7.82 4.99
CA GLN A 16 29.38 -7.54 3.81
C GLN A 16 28.43 -7.20 2.65
N ILE A 17 27.48 -8.10 2.42
CA ILE A 17 26.51 -7.91 1.36
C ILE A 17 25.72 -6.63 1.49
N GLU A 18 25.28 -6.30 2.68
CA GLU A 18 24.52 -5.07 2.86
C GLU A 18 25.44 -3.87 2.67
N LYS A 19 26.68 -3.99 3.14
CA LYS A 19 27.64 -2.90 2.96
C LYS A 19 27.67 -2.62 1.45
N GLN A 20 27.97 -3.65 0.68
CA GLN A 20 28.03 -3.54 -0.78
C GLN A 20 26.70 -3.20 -1.49
N PHE A 21 25.61 -3.89 -1.15
CA PHE A 21 24.33 -3.65 -1.83
C PHE A 21 23.28 -2.80 -1.13
N GLY A 22 23.55 -2.37 0.10
CA GLY A 22 22.58 -1.57 0.81
C GLY A 22 22.02 -2.32 2.01
N LYS A 23 21.25 -1.64 2.84
CA LYS A 23 20.64 -2.28 3.99
C LYS A 23 19.42 -2.99 3.45
N GLY A 24 19.14 -4.17 4.01
CA GLY A 24 17.97 -4.92 3.59
C GLY A 24 18.11 -5.47 2.19
N SER A 25 19.31 -5.43 1.64
CA SER A 25 19.47 -6.01 0.33
C SER A 25 19.39 -7.53 0.59
N ILE A 26 19.23 -7.89 1.84
CA ILE A 26 19.13 -9.27 2.22
C ILE A 26 18.77 -9.32 3.69
N MET A 27 17.96 -10.29 4.07
CA MET A 27 17.59 -10.45 5.45
C MET A 27 16.77 -11.70 5.72
N ARG A 28 16.77 -12.13 6.97
CA ARG A 28 15.99 -13.28 7.33
C ARG A 28 14.55 -12.81 7.34
N LEU A 29 13.66 -13.54 6.68
CA LEU A 29 12.28 -13.11 6.60
C LEU A 29 11.63 -12.95 7.95
N GLY A 30 12.16 -13.60 8.97
CA GLY A 30 11.55 -13.47 10.29
C GLY A 30 12.12 -12.36 11.15
N GLU A 31 13.15 -11.72 10.63
CA GLU A 31 13.83 -10.66 11.34
C GLU A 31 13.03 -9.44 11.67
N ASP A 32 13.23 -8.93 12.87
CA ASP A 32 12.51 -7.75 13.27
C ASP A 32 13.26 -6.50 12.87
N ARG A 33 13.62 -6.43 11.60
CA ARG A 33 14.33 -5.27 11.09
C ARG A 33 13.41 -4.53 10.14
N SER A 34 13.60 -3.24 10.08
CA SER A 34 12.84 -2.40 9.18
C SER A 34 13.65 -1.13 9.04
N MET A 35 13.54 -0.48 7.90
CA MET A 35 14.26 0.75 7.65
C MET A 35 13.64 1.87 8.46
N ASP A 36 14.47 2.82 8.84
CA ASP A 36 13.98 3.96 9.59
C ASP A 36 13.51 4.99 8.59
N VAL A 37 12.37 4.70 7.99
CA VAL A 37 11.73 5.58 7.01
C VAL A 37 10.45 6.14 7.61
N GLU A 38 10.16 7.40 7.33
CA GLU A 38 8.93 7.93 7.83
C GLU A 38 7.93 7.08 7.05
N THR A 39 6.76 6.83 7.60
CA THR A 39 5.76 6.03 6.88
C THR A 39 4.37 6.62 7.04
N ILE A 40 3.48 6.27 6.12
CA ILE A 40 2.11 6.71 6.20
C ILE A 40 1.31 5.44 6.31
N SER A 41 0.32 5.44 7.20
CA SER A 41 -0.49 4.24 7.36
C SER A 41 -1.27 3.94 6.10
N THR A 42 -1.56 2.67 5.86
CA THR A 42 -2.31 2.25 4.70
C THR A 42 -3.78 2.27 5.06
N GLY A 43 -4.09 2.36 6.34
CA GLY A 43 -5.47 2.35 6.77
C GLY A 43 -5.78 0.97 7.33
N SER A 44 -4.95 0.00 6.97
CA SER A 44 -5.12 -1.36 7.48
C SER A 44 -4.09 -1.56 8.57
N LEU A 45 -4.50 -2.17 9.66
CA LEU A 45 -3.57 -2.38 10.73
C LEU A 45 -2.78 -3.58 10.36
N SER A 46 -3.43 -4.58 9.81
CA SER A 46 -2.69 -5.76 9.43
C SER A 46 -1.70 -5.41 8.30
N LEU A 47 -2.11 -4.58 7.34
CA LEU A 47 -1.19 -4.22 6.26
C LEU A 47 -0.03 -3.37 6.80
N ASP A 48 -0.33 -2.42 7.67
CA ASP A 48 0.75 -1.60 8.23
C ASP A 48 1.77 -2.55 8.87
N ILE A 49 1.29 -3.65 9.41
CA ILE A 49 2.15 -4.61 10.05
C ILE A 49 2.91 -5.43 9.04
N ALA A 50 2.20 -5.94 8.04
CA ALA A 50 2.81 -6.75 6.99
C ALA A 50 3.94 -5.97 6.35
N LEU A 51 3.75 -4.66 6.24
CA LEU A 51 4.73 -3.77 5.67
C LEU A 51 5.92 -3.76 6.60
N GLY A 52 5.72 -4.18 7.84
CA GLY A 52 6.80 -4.25 8.80
C GLY A 52 7.21 -2.94 9.43
N ALA A 53 7.31 -1.90 8.63
CA ALA A 53 7.70 -0.61 9.16
C ALA A 53 6.46 0.22 9.60
N GLY A 54 5.28 -0.37 9.54
CA GLY A 54 4.11 0.37 9.97
C GLY A 54 3.26 1.09 8.94
N GLY A 55 3.77 1.27 7.73
CA GLY A 55 2.99 1.95 6.71
C GLY A 55 3.81 1.98 5.45
N LEU A 56 3.42 2.79 4.47
CA LEU A 56 4.19 2.88 3.24
C LEU A 56 5.28 3.89 3.50
N PRO A 57 6.47 3.64 2.97
CA PRO A 57 7.67 4.47 3.11
C PRO A 57 7.76 5.77 2.34
N MET A 58 7.93 6.87 3.05
CA MET A 58 8.06 8.15 2.36
C MET A 58 9.31 8.10 1.48
N GLY A 59 9.31 8.89 0.41
CA GLY A 59 10.47 8.96 -0.46
C GLY A 59 10.67 7.75 -1.35
N ARG A 60 9.84 6.73 -1.20
CA ARG A 60 9.97 5.53 -2.02
C ARG A 60 8.83 5.35 -3.00
N ILE A 61 9.07 4.46 -3.94
CA ILE A 61 8.08 4.12 -4.92
C ILE A 61 7.40 2.84 -4.47
N VAL A 62 6.08 2.90 -4.39
CA VAL A 62 5.29 1.75 -4.00
C VAL A 62 4.46 1.35 -5.20
N GLU A 63 4.14 0.07 -5.34
CA GLU A 63 3.29 -0.40 -6.42
C GLU A 63 2.21 -1.18 -5.75
N ILE A 64 0.96 -0.87 -6.07
CA ILE A 64 -0.18 -1.61 -5.51
C ILE A 64 -0.98 -2.12 -6.69
N TYR A 65 -0.92 -3.42 -6.94
CA TYR A 65 -1.65 -3.93 -8.08
C TYR A 65 -2.72 -4.89 -7.66
N GLY A 66 -3.71 -5.04 -8.50
CA GLY A 66 -4.81 -5.93 -8.17
C GLY A 66 -5.88 -5.81 -9.23
N PRO A 67 -6.91 -6.65 -9.16
CA PRO A 67 -8.00 -6.62 -10.13
C PRO A 67 -8.85 -5.38 -9.87
N GLU A 68 -9.81 -5.13 -10.74
CA GLU A 68 -10.67 -3.99 -10.54
C GLU A 68 -11.51 -4.36 -9.34
N SER A 69 -11.67 -3.42 -8.41
CA SER A 69 -12.46 -3.70 -7.23
C SER A 69 -11.72 -4.66 -6.31
N SER A 70 -10.41 -4.68 -6.44
CA SER A 70 -9.56 -5.52 -5.61
C SER A 70 -9.46 -4.83 -4.26
N GLY A 71 -9.55 -3.50 -4.29
CA GLY A 71 -9.46 -2.72 -3.07
C GLY A 71 -8.32 -1.73 -3.21
N LYS A 72 -7.53 -1.84 -4.28
CA LYS A 72 -6.39 -0.98 -4.50
C LYS A 72 -6.80 0.46 -4.44
N THR A 73 -8.01 0.73 -4.90
CA THR A 73 -8.48 2.10 -4.88
C THR A 73 -8.71 2.53 -3.44
N THR A 74 -9.39 1.70 -2.67
CA THR A 74 -9.64 2.03 -1.30
C THR A 74 -8.32 2.31 -0.60
N LEU A 75 -7.39 1.38 -0.78
CA LEU A 75 -6.11 1.50 -0.16
C LEU A 75 -5.49 2.83 -0.44
N THR A 76 -5.37 3.17 -1.72
CA THR A 76 -4.72 4.42 -2.06
C THR A 76 -5.45 5.61 -1.48
N LEU A 77 -6.77 5.54 -1.47
CA LEU A 77 -7.55 6.62 -0.91
C LEU A 77 -7.25 6.72 0.59
N GLN A 78 -7.24 5.58 1.27
CA GLN A 78 -6.94 5.55 2.69
C GLN A 78 -5.56 6.19 2.91
N VAL A 79 -4.61 5.84 2.05
CA VAL A 79 -3.28 6.41 2.21
C VAL A 79 -3.34 7.92 2.12
N ILE A 80 -4.01 8.43 1.10
CA ILE A 80 -4.10 9.87 0.93
C ILE A 80 -4.75 10.44 2.20
N ALA A 81 -5.86 9.81 2.57
CA ALA A 81 -6.62 10.20 3.74
C ALA A 81 -5.69 10.30 4.93
N ALA A 82 -4.91 9.24 5.10
CA ALA A 82 -3.96 9.19 6.19
C ALA A 82 -2.96 10.33 6.05
N ALA A 83 -2.31 10.41 4.89
CA ALA A 83 -1.28 11.41 4.64
C ALA A 83 -1.79 12.80 4.96
N GLN A 84 -3.01 13.06 4.53
CA GLN A 84 -3.58 14.36 4.73
C GLN A 84 -3.90 14.63 6.17
N ARG A 85 -4.25 13.58 6.90
CA ARG A 85 -4.55 13.72 8.32
C ARG A 85 -3.30 14.25 8.99
N GLU A 86 -2.12 13.76 8.57
CA GLU A 86 -0.84 14.20 9.16
C GLU A 86 -0.38 15.52 8.55
N GLY A 87 -1.26 16.16 7.78
CA GLY A 87 -0.88 17.42 7.16
C GLY A 87 -0.04 17.27 5.91
N LYS A 88 -0.03 16.10 5.30
CA LYS A 88 0.77 15.95 4.09
C LYS A 88 0.00 16.32 2.84
N THR A 89 0.72 16.88 1.89
CA THR A 89 0.16 17.29 0.61
C THR A 89 0.16 16.09 -0.32
N CYS A 90 -1.00 15.77 -0.87
CA CYS A 90 -1.09 14.64 -1.77
C CYS A 90 -1.44 15.07 -3.16
N ALA A 91 -0.94 14.33 -4.13
CA ALA A 91 -1.23 14.62 -5.52
C ALA A 91 -1.73 13.32 -6.13
N PHE A 92 -2.77 13.45 -6.93
CA PHE A 92 -3.38 12.32 -7.58
C PHE A 92 -3.14 12.48 -9.05
N ILE A 93 -2.28 11.65 -9.62
CA ILE A 93 -2.01 11.74 -11.03
C ILE A 93 -2.92 10.70 -11.68
N ASP A 94 -3.96 11.21 -12.31
CA ASP A 94 -4.99 10.40 -12.91
C ASP A 94 -4.95 10.23 -14.39
N ALA A 95 -5.10 8.99 -14.85
CA ALA A 95 -5.12 8.68 -16.27
C ALA A 95 -6.26 7.70 -16.38
N GLU A 96 -6.77 7.33 -15.22
CA GLU A 96 -7.86 6.39 -15.13
C GLU A 96 -9.20 7.12 -15.16
N HIS A 97 -9.23 8.36 -14.68
CA HIS A 97 -10.44 9.18 -14.66
C HIS A 97 -11.60 8.55 -13.95
N ALA A 98 -11.30 7.86 -12.85
CA ALA A 98 -12.31 7.15 -12.10
C ALA A 98 -12.43 7.54 -10.66
N LEU A 99 -11.77 8.62 -10.28
CA LEU A 99 -11.81 9.06 -8.90
C LEU A 99 -13.23 9.29 -8.43
N ASP A 100 -13.57 8.71 -7.29
CA ASP A 100 -14.90 8.88 -6.73
C ASP A 100 -14.72 9.70 -5.47
N PRO A 101 -14.93 11.01 -5.58
CA PRO A 101 -14.78 11.91 -4.45
C PRO A 101 -15.76 11.68 -3.33
N ILE A 102 -16.90 11.10 -3.65
CA ILE A 102 -17.86 10.85 -2.61
C ILE A 102 -17.27 9.78 -1.75
N TYR A 103 -16.93 8.66 -2.38
CA TYR A 103 -16.35 7.57 -1.65
C TYR A 103 -15.06 7.99 -0.93
N ALA A 104 -14.23 8.77 -1.63
CA ALA A 104 -12.97 9.22 -1.04
C ALA A 104 -13.20 10.02 0.24
N ARG A 105 -14.24 10.84 0.21
CA ARG A 105 -14.54 11.65 1.35
C ARG A 105 -14.95 10.77 2.49
N LYS A 106 -15.62 9.67 2.17
CA LYS A 106 -16.08 8.76 3.20
C LYS A 106 -14.89 8.09 3.82
N LEU A 107 -13.83 7.94 3.03
CA LEU A 107 -12.62 7.34 3.55
C LEU A 107 -11.78 8.42 4.22
N GLY A 108 -12.26 9.66 4.20
CA GLY A 108 -11.55 10.74 4.84
C GLY A 108 -10.60 11.54 3.98
N VAL A 109 -10.62 11.29 2.67
CA VAL A 109 -9.75 12.05 1.80
C VAL A 109 -10.30 13.43 1.77
N ASP A 110 -9.43 14.42 1.91
CA ASP A 110 -9.85 15.82 1.83
C ASP A 110 -9.72 16.16 0.37
N ILE A 111 -10.76 15.81 -0.37
CA ILE A 111 -10.75 16.05 -1.81
C ILE A 111 -10.44 17.49 -2.16
N ASP A 112 -11.08 18.45 -1.50
CA ASP A 112 -10.81 19.84 -1.83
C ASP A 112 -9.34 20.15 -1.92
N ASN A 113 -8.55 19.61 -1.00
CA ASN A 113 -7.12 19.90 -1.02
C ASN A 113 -6.27 18.87 -1.75
N LEU A 114 -6.91 17.85 -2.28
CA LEU A 114 -6.16 16.86 -3.00
C LEU A 114 -5.74 17.46 -4.34
N LEU A 115 -4.44 17.50 -4.60
CA LEU A 115 -3.94 18.01 -5.87
C LEU A 115 -4.31 16.95 -6.87
N CYS A 116 -4.71 17.36 -8.06
CA CYS A 116 -5.06 16.36 -9.05
C CYS A 116 -4.54 16.72 -10.40
N SER A 117 -4.25 15.71 -11.18
CA SER A 117 -3.78 15.98 -12.50
C SER A 117 -4.21 14.88 -13.43
N GLN A 118 -4.68 15.25 -14.61
CA GLN A 118 -5.11 14.27 -15.59
C GLN A 118 -4.30 14.58 -16.84
N PRO A 119 -3.08 14.04 -16.89
CA PRO A 119 -2.13 14.24 -17.98
C PRO A 119 -2.59 13.80 -19.34
N ASP A 120 -1.99 14.40 -20.35
CA ASP A 120 -2.33 14.11 -21.74
C ASP A 120 -1.68 12.86 -22.30
N THR A 121 -0.66 12.37 -21.63
CA THR A 121 -0.03 11.15 -22.09
C THR A 121 0.57 10.54 -20.87
N GLY A 122 0.95 9.26 -20.98
CA GLY A 122 1.57 8.57 -19.87
C GLY A 122 2.94 9.18 -19.58
N GLU A 123 3.66 9.63 -20.60
CA GLU A 123 4.97 10.26 -20.40
C GLU A 123 4.79 11.55 -19.62
N GLN A 124 3.79 12.32 -20.04
CA GLN A 124 3.54 13.57 -19.37
C GLN A 124 3.20 13.31 -17.91
N ALA A 125 2.47 12.22 -17.68
CA ALA A 125 2.08 11.88 -16.33
C ALA A 125 3.35 11.65 -15.55
N LEU A 126 4.22 10.84 -16.12
CA LEU A 126 5.48 10.52 -15.49
C LEU A 126 6.29 11.79 -15.23
N GLU A 127 6.39 12.66 -16.23
CA GLU A 127 7.13 13.87 -16.02
C GLU A 127 6.51 14.77 -14.95
N ILE A 128 5.20 14.75 -14.83
CA ILE A 128 4.57 15.57 -13.79
C ILE A 128 4.91 14.98 -12.42
N CYS A 129 4.91 13.66 -12.33
CA CYS A 129 5.23 13.02 -11.07
C CYS A 129 6.64 13.40 -10.71
N ASP A 130 7.49 13.35 -11.71
CA ASP A 130 8.87 13.65 -11.47
C ASP A 130 9.03 15.09 -11.02
N ALA A 131 8.30 15.98 -11.69
CA ALA A 131 8.34 17.39 -11.37
C ALA A 131 7.95 17.55 -9.91
N LEU A 132 6.77 17.05 -9.56
CA LEU A 132 6.32 17.12 -8.18
C LEU A 132 7.40 16.58 -7.26
N ALA A 133 7.98 15.44 -7.63
CA ALA A 133 9.02 14.83 -6.84
C ALA A 133 10.10 15.87 -6.56
N ARG A 134 10.67 16.43 -7.62
CA ARG A 134 11.72 17.43 -7.50
C ARG A 134 11.32 18.60 -6.61
N SER A 135 10.06 19.04 -6.71
CA SER A 135 9.62 20.16 -5.93
C SER A 135 9.76 19.94 -4.41
N GLY A 136 9.65 18.69 -3.98
CA GLY A 136 9.76 18.42 -2.55
C GLY A 136 8.64 19.09 -1.77
N ALA A 137 7.58 19.49 -2.49
CA ALA A 137 6.40 20.17 -1.92
C ALA A 137 5.17 19.30 -1.72
N VAL A 138 5.17 18.14 -2.39
CA VAL A 138 4.09 17.16 -2.28
C VAL A 138 4.71 15.99 -1.52
N ASP A 139 3.97 15.40 -0.58
CA ASP A 139 4.52 14.29 0.20
C ASP A 139 4.09 12.93 -0.31
N VAL A 140 2.92 12.87 -0.91
CA VAL A 140 2.39 11.63 -1.43
C VAL A 140 1.87 11.86 -2.83
N ILE A 141 2.23 10.95 -3.73
CA ILE A 141 1.76 11.01 -5.09
C ILE A 141 1.16 9.65 -5.43
N VAL A 142 -0.10 9.66 -5.84
CA VAL A 142 -0.74 8.43 -6.22
C VAL A 142 -0.97 8.48 -7.73
N VAL A 143 -0.41 7.52 -8.45
CA VAL A 143 -0.58 7.48 -9.89
C VAL A 143 -1.56 6.39 -10.27
N ASP A 144 -2.69 6.82 -10.81
CA ASP A 144 -3.73 5.90 -11.18
C ASP A 144 -3.96 5.98 -12.67
N SER A 145 -3.45 5.02 -13.43
CA SER A 145 -2.69 3.90 -12.90
C SER A 145 -1.67 3.65 -13.99
N VAL A 146 -0.79 2.66 -13.79
CA VAL A 146 0.24 2.35 -14.78
C VAL A 146 -0.36 1.87 -16.11
N ALA A 147 -1.37 1.01 -16.02
CA ALA A 147 -2.05 0.48 -17.20
C ALA A 147 -2.73 1.58 -18.01
N ALA A 148 -3.22 2.60 -17.32
CA ALA A 148 -3.88 3.69 -18.00
C ALA A 148 -2.88 4.66 -18.58
N LEU A 149 -1.62 4.62 -18.12
CA LEU A 149 -0.63 5.54 -18.65
C LEU A 149 -0.28 5.18 -20.08
N THR A 150 -1.07 5.69 -21.01
CA THR A 150 -0.87 5.39 -22.41
C THR A 150 0.27 6.19 -23.01
N PRO A 151 1.23 5.49 -23.61
CA PRO A 151 2.35 6.24 -24.21
C PRO A 151 1.80 7.13 -25.33
N LYS A 152 2.30 8.35 -25.40
CA LYS A 152 1.88 9.31 -26.42
C LYS A 152 1.79 8.71 -27.82
N ALA A 153 2.66 7.76 -28.12
CA ALA A 153 2.67 7.14 -29.43
C ALA A 153 1.47 6.24 -29.64
N GLU A 154 1.03 5.50 -28.62
CA GLU A 154 -0.14 4.65 -28.79
C GLU A 154 -1.34 5.60 -28.94
N ILE A 155 -1.33 6.67 -28.17
CA ILE A 155 -2.40 7.66 -28.22
C ILE A 155 -2.49 8.21 -29.63
N GLU A 156 -1.35 8.31 -30.30
CA GLU A 156 -1.28 8.84 -31.65
C GLU A 156 -1.40 7.76 -32.71
N GLY A 157 -1.66 6.54 -32.26
CA GLY A 157 -1.84 5.42 -33.16
C GLY A 157 -0.60 4.73 -33.68
N GLU A 158 0.56 5.38 -33.55
CA GLU A 158 1.80 4.77 -33.99
C GLU A 158 1.90 3.33 -33.42
N ILE A 159 1.10 3.09 -32.38
CA ILE A 159 1.01 1.79 -31.70
C ILE A 159 1.08 0.61 -32.66
CA GLY A 160 3.35 -0.34 -34.58
N ASP A 161 5.69 0.15 -32.75
CA ASP A 161 6.11 -0.85 -31.76
C ASP A 161 4.91 -1.37 -30.97
N SER A 162 5.15 -2.36 -30.10
CA SER A 162 4.10 -2.98 -29.28
CA SER A 162 4.11 -2.99 -29.28
C SER A 162 3.64 -2.14 -28.10
N HIS A 163 2.46 -2.46 -27.55
CA HIS A 163 1.94 -1.71 -26.41
C HIS A 163 2.83 -2.03 -25.20
N MET A 164 3.03 -3.32 -24.96
CA MET A 164 3.88 -3.79 -23.86
C MET A 164 5.25 -3.08 -23.98
N GLY A 165 5.85 -3.18 -25.18
CA GLY A 165 7.14 -2.56 -25.41
C GLY A 165 7.12 -1.09 -25.06
N LEU A 166 6.27 -0.33 -25.73
CA LEU A 166 6.15 1.10 -25.49
C LEU A 166 5.94 1.47 -24.03
N ALA A 167 4.93 0.87 -23.40
CA ALA A 167 4.67 1.19 -22.00
C ALA A 167 5.92 0.92 -21.16
N ALA A 168 6.51 -0.26 -21.32
CA ALA A 168 7.69 -0.61 -20.57
C ALA A 168 8.78 0.43 -20.79
N ARG A 169 8.93 0.87 -22.03
CA ARG A 169 9.97 1.83 -22.33
C ARG A 169 9.70 3.11 -21.59
N MET A 170 8.48 3.61 -21.75
CA MET A 170 8.05 4.82 -21.10
C MET A 170 8.30 4.76 -19.60
N MET A 171 7.96 3.63 -18.97
CA MET A 171 8.19 3.47 -17.54
C MET A 171 9.68 3.41 -17.26
N SER A 172 10.38 2.62 -18.04
CA SER A 172 11.79 2.51 -17.79
C SER A 172 12.54 3.82 -17.96
N GLN A 173 12.03 4.69 -18.82
CA GLN A 173 12.71 5.95 -19.04
C GLN A 173 12.61 6.91 -17.86
N ALA A 174 11.51 6.84 -17.14
CA ALA A 174 11.28 7.75 -16.03
C ALA A 174 11.66 7.24 -14.64
N MET A 175 11.58 5.94 -14.45
CA MET A 175 11.84 5.32 -13.17
C MET A 175 13.05 5.79 -12.37
N ARG A 176 14.24 5.57 -12.90
CA ARG A 176 15.43 5.96 -12.19
C ARG A 176 15.36 7.40 -11.65
N LYS A 177 15.09 8.36 -12.51
CA LYS A 177 15.05 9.76 -12.08
C LYS A 177 13.97 9.97 -11.03
N LEU A 178 12.76 9.52 -11.37
CA LEU A 178 11.63 9.63 -10.47
C LEU A 178 12.05 9.11 -9.11
N ALA A 179 12.61 7.91 -9.11
CA ALA A 179 13.02 7.28 -7.86
C ALA A 179 13.98 8.16 -7.10
N GLY A 180 14.95 8.71 -7.81
CA GLY A 180 15.92 9.55 -7.13
C GLY A 180 15.34 10.82 -6.56
N ASN A 181 14.55 11.51 -7.37
CA ASN A 181 13.97 12.75 -6.89
C ASN A 181 13.01 12.47 -5.76
N LEU A 182 12.21 11.42 -5.91
CA LEU A 182 11.27 11.06 -4.87
C LEU A 182 12.01 10.86 -3.58
N LYS A 183 13.18 10.25 -3.68
CA LYS A 183 13.97 9.99 -2.49
C LYS A 183 14.44 11.30 -1.89
N GLN A 184 15.00 12.20 -2.69
CA GLN A 184 15.46 13.49 -2.18
C GLN A 184 14.32 14.22 -1.47
N SER A 185 13.21 14.46 -2.16
CA SER A 185 12.11 15.17 -1.54
C SER A 185 11.44 14.35 -0.47
N ASN A 186 11.84 13.10 -0.34
CA ASN A 186 11.21 12.24 0.67
C ASN A 186 9.71 12.20 0.36
N THR A 187 9.41 11.90 -0.91
CA THR A 187 8.06 11.84 -1.43
C THR A 187 7.63 10.43 -1.77
N LEU A 188 6.46 10.05 -1.32
CA LEU A 188 5.94 8.72 -1.57
C LEU A 188 5.12 8.69 -2.84
N LEU A 189 5.50 7.82 -3.76
CA LEU A 189 4.74 7.70 -4.97
C LEU A 189 4.25 6.29 -5.08
N ILE A 190 2.92 6.18 -5.16
CA ILE A 190 2.25 4.89 -5.28
C ILE A 190 1.74 4.71 -6.69
N PHE A 191 2.14 3.62 -7.32
CA PHE A 191 1.70 3.31 -8.66
C PHE A 191 0.60 2.26 -8.55
N ILE A 192 -0.58 2.59 -9.04
CA ILE A 192 -1.65 1.60 -9.01
C ILE A 192 -1.48 0.85 -10.31
N ASN A 193 -1.54 -0.47 -10.23
CA ASN A 193 -1.38 -1.32 -11.40
C ASN A 193 -2.35 -2.46 -11.30
N GLN A 194 -2.38 -3.23 -12.38
CA GLN A 194 -3.23 -4.40 -12.49
C GLN A 194 -2.35 -5.48 -13.13
N ILE A 195 -2.78 -6.73 -13.10
CA ILE A 195 -1.98 -7.78 -13.71
C ILE A 195 -2.13 -7.60 -15.20
N ARG A 196 -1.01 -7.61 -15.93
CA ARG A 196 -0.99 -7.42 -17.39
C ARG A 196 -1.95 -8.30 -18.19
N MET A 197 -2.52 -7.73 -19.27
CA MET A 197 -3.51 -8.39 -20.16
C MET A 197 -3.05 -9.72 -20.77
N LYS A 198 -3.97 -10.69 -20.81
CA LYS A 198 -3.71 -12.03 -21.36
C LYS A 198 -3.32 -12.07 -22.86
N ILE A 199 -2.02 -12.17 -23.11
CA ILE A 199 -1.49 -12.24 -24.48
C ILE A 199 -1.11 -13.69 -24.80
CA GLY A 200 1.30 -13.94 -22.73
CA VAL A 201 1.13 -17.27 -22.53
CA MET A 202 2.12 -16.45 -19.23
CA PHE A 203 5.13 -17.03 -18.88
CA GLY A 204 6.64 -15.77 -16.71
N ASN A 205 5.99 -15.75 -14.21
CA ASN A 205 5.10 -15.23 -13.18
C ASN A 205 3.79 -14.71 -13.78
N PRO A 206 2.73 -15.54 -13.77
CA PRO A 206 1.47 -15.07 -14.35
C PRO A 206 0.97 -13.77 -13.68
N GLU A 207 1.49 -13.49 -12.49
CA GLU A 207 1.12 -12.32 -11.72
C GLU A 207 2.05 -11.11 -12.03
N THR A 208 2.36 -10.93 -13.31
CA THR A 208 3.19 -9.83 -13.74
C THR A 208 2.32 -8.62 -14.07
N THR A 209 2.63 -7.48 -13.49
CA THR A 209 1.83 -6.30 -13.75
C THR A 209 2.34 -5.49 -14.90
N THR A 210 1.44 -4.69 -15.43
CA THR A 210 1.67 -3.78 -16.52
C THR A 210 2.86 -2.86 -16.30
N GLY A 211 3.36 -2.31 -17.42
CA GLY A 211 4.45 -1.37 -17.38
C GLY A 211 5.89 -1.83 -17.49
N GLY A 212 6.17 -3.12 -17.48
CA GLY A 212 7.56 -3.53 -17.58
C GLY A 212 8.24 -3.76 -16.24
N ASN A 213 9.58 -3.82 -16.26
CA ASN A 213 10.32 -4.08 -15.03
C ASN A 213 10.86 -2.91 -14.26
N ALA A 214 10.79 -1.71 -14.84
CA ALA A 214 11.33 -0.57 -14.12
C ALA A 214 10.67 -0.47 -12.75
N LEU A 215 9.35 -0.42 -12.73
CA LEU A 215 8.65 -0.29 -11.48
C LEU A 215 8.87 -1.52 -10.60
N LYS A 216 8.80 -2.68 -11.23
CA LYS A 216 8.97 -3.91 -10.47
C LYS A 216 10.25 -3.87 -9.67
N PHE A 217 11.31 -3.33 -10.25
CA PHE A 217 12.57 -3.32 -9.55
C PHE A 217 12.87 -2.06 -8.80
N TYR A 218 12.27 -0.96 -9.21
CA TYR A 218 12.50 0.30 -8.49
C TYR A 218 11.62 0.46 -7.26
N ALA A 219 10.50 -0.24 -7.21
CA ALA A 219 9.60 -0.10 -6.09
C ALA A 219 10.22 -0.61 -4.81
N SER A 220 10.09 0.15 -3.73
CA SER A 220 10.61 -0.27 -2.42
C SER A 220 9.60 -1.25 -1.83
N VAL A 221 8.35 -1.12 -2.28
CA VAL A 221 7.24 -1.93 -1.82
C VAL A 221 6.27 -2.25 -2.96
N ARG A 222 5.83 -3.50 -3.03
CA ARG A 222 4.89 -3.91 -4.04
C ARG A 222 3.80 -4.70 -3.39
N LEU A 223 2.58 -4.17 -3.43
CA LEU A 223 1.41 -4.82 -2.84
C LEU A 223 0.52 -5.53 -3.83
N ASP A 224 0.27 -6.80 -3.55
CA ASP A 224 -0.61 -7.63 -4.35
C ASP A 224 -1.92 -7.60 -3.58
N ILE A 225 -2.89 -6.84 -4.07
CA ILE A 225 -4.16 -6.77 -3.36
C ILE A 225 -5.29 -7.41 -4.17
N ARG A 226 -6.11 -8.20 -3.51
CA ARG A 226 -7.20 -8.83 -4.21
C ARG A 226 -8.35 -9.08 -3.25
N ARG A 227 -9.55 -9.13 -3.82
CA ARG A 227 -10.75 -9.38 -3.05
C ARG A 227 -10.83 -10.89 -2.92
N ILE A 228 -10.91 -11.39 -1.70
CA ILE A 228 -10.98 -12.82 -1.53
C ILE A 228 -12.35 -13.30 -1.08
N GLY A 229 -13.31 -12.39 -0.94
CA GLY A 229 -14.64 -12.81 -0.52
C GLY A 229 -15.57 -11.67 -0.14
N ALA A 230 -16.78 -12.01 0.29
CA ALA A 230 -17.74 -11.00 0.68
C ALA A 230 -17.87 -10.86 2.18
N VAL A 231 -18.31 -9.69 2.60
CA VAL A 231 -18.55 -9.48 4.00
C VAL A 231 -20.06 -9.31 3.90
N LYS A 232 -20.80 -10.16 4.63
CA LYS A 232 -22.24 -10.06 4.56
C LYS A 232 -22.88 -9.83 5.93
N GLU A 233 -23.63 -8.73 6.07
CA GLU A 233 -24.36 -8.44 7.31
C GLU A 233 -25.78 -8.85 6.91
N GLY A 234 -26.08 -10.14 7.09
CA GLY A 234 -27.37 -10.65 6.70
C GLY A 234 -27.17 -11.21 5.30
N GLU A 235 -28.25 -11.43 4.57
CA GLU A 235 -28.13 -11.95 3.20
C GLU A 235 -27.56 -10.86 2.30
N ASN A 236 -27.49 -9.64 2.85
CA ASN A 236 -27.00 -8.47 2.14
C ASN A 236 -25.48 -8.29 2.25
N VAL A 237 -24.83 -8.05 1.10
CA VAL A 237 -23.39 -7.85 1.04
C VAL A 237 -23.03 -6.39 1.36
N VAL A 238 -22.17 -6.20 2.34
CA VAL A 238 -21.79 -4.87 2.74
C VAL A 238 -20.34 -4.54 2.43
N GLY A 239 -19.58 -5.55 2.03
CA GLY A 239 -18.19 -5.29 1.73
C GLY A 239 -17.45 -6.46 1.17
N SER A 240 -16.16 -6.25 0.96
CA SER A 240 -15.30 -7.27 0.40
C SER A 240 -14.30 -7.73 1.42
N GLU A 241 -14.11 -9.02 1.47
CA GLU A 241 -13.13 -9.55 2.39
C GLU A 241 -11.82 -9.38 1.57
N THR A 242 -10.87 -8.62 2.10
CA THR A 242 -9.64 -8.36 1.35
C THR A 242 -8.32 -9.01 1.76
N ARG A 243 -7.53 -9.42 0.77
CA ARG A 243 -6.21 -9.95 1.10
C ARG A 243 -5.13 -9.15 0.38
N VAL A 244 -4.19 -8.60 1.14
CA VAL A 244 -3.08 -7.84 0.55
C VAL A 244 -1.80 -8.59 0.86
N LYS A 245 -1.05 -8.92 -0.16
CA LYS A 245 0.19 -9.65 0.03
C LYS A 245 1.32 -8.67 -0.23
N VAL A 246 2.29 -8.59 0.68
CA VAL A 246 3.41 -7.67 0.42
C VAL A 246 4.47 -8.47 -0.33
N VAL A 247 4.29 -8.59 -1.65
CA VAL A 247 5.20 -9.37 -2.48
C VAL A 247 6.63 -8.84 -2.59
N LYS A 248 6.83 -7.58 -2.25
CA LYS A 248 8.17 -7.02 -2.27
C LYS A 248 8.27 -5.97 -1.18
N ASN A 249 9.35 -6.04 -0.41
CA ASN A 249 9.52 -5.11 0.67
C ASN A 249 10.98 -4.82 0.92
N LYS A 250 11.41 -3.62 0.58
CA LYS A 250 12.80 -3.25 0.79
C LYS A 250 12.98 -2.43 2.05
N ILE A 251 11.90 -2.20 2.80
CA ILE A 251 12.00 -1.42 4.03
C ILE A 251 11.84 -2.30 5.26
N ALA A 252 11.45 -3.55 5.03
CA ALA A 252 11.26 -4.54 6.09
C ALA A 252 11.12 -5.84 5.31
N ALA A 253 11.08 -6.98 5.98
CA ALA A 253 10.97 -8.26 5.26
C ALA A 253 9.72 -8.38 4.42
N PRO A 254 9.85 -8.91 3.20
CA PRO A 254 8.64 -9.02 2.36
C PRO A 254 7.85 -10.27 2.67
N PHE A 255 6.85 -10.50 1.82
CA PHE A 255 5.98 -11.67 1.89
C PHE A 255 5.02 -11.82 3.04
N LYS A 256 4.96 -10.84 3.93
CA LYS A 256 3.93 -10.95 4.96
C LYS A 256 2.61 -10.54 4.24
N GLN A 257 1.47 -10.86 4.83
CA GLN A 257 0.24 -10.50 4.16
C GLN A 257 -0.74 -9.97 5.17
N ALA A 258 -1.71 -9.23 4.67
CA ALA A 258 -2.75 -8.65 5.50
C ALA A 258 -4.09 -9.08 4.96
N GLU A 259 -5.06 -9.24 5.85
CA GLU A 259 -6.40 -9.62 5.46
C GLU A 259 -7.24 -8.71 6.29
N PHE A 260 -8.21 -8.08 5.65
CA PHE A 260 -9.09 -7.16 6.35
C PHE A 260 -10.26 -6.93 5.45
N GLN A 261 -11.32 -6.39 6.01
CA GLN A 261 -12.51 -6.13 5.26
C GLN A 261 -12.57 -4.69 4.78
N ILE A 262 -13.02 -4.50 3.54
CA ILE A 262 -13.26 -3.16 3.05
C ILE A 262 -14.79 -3.08 2.98
N LEU A 263 -15.37 -2.21 3.78
CA LEU A 263 -16.82 -2.08 3.79
C LEU A 263 -17.25 -1.00 2.84
N TYR A 264 -18.25 -1.33 2.04
CA TYR A 264 -18.76 -0.38 1.06
C TYR A 264 -19.19 0.89 1.79
N GLY A 265 -18.75 2.02 1.25
CA GLY A 265 -19.11 3.28 1.84
C GLY A 265 -18.24 3.69 3.01
N GLU A 266 -17.76 2.73 3.80
CA GLU A 266 -16.94 3.09 4.94
C GLU A 266 -15.45 2.97 4.69
N GLY A 267 -15.02 1.95 3.96
CA GLY A 267 -13.59 1.77 3.72
C GLY A 267 -13.07 0.57 4.49
N ILE A 268 -11.78 0.53 4.75
CA ILE A 268 -11.19 -0.59 5.46
C ILE A 268 -11.77 -0.70 6.88
N ASN A 269 -12.01 -1.93 7.34
CA ASN A 269 -12.55 -2.13 8.67
C ASN A 269 -11.39 -2.22 9.68
N PHE A 270 -10.77 -1.08 9.92
CA PHE A 270 -9.64 -0.98 10.82
C PHE A 270 -9.86 -1.56 12.19
N TYR A 271 -11.02 -1.27 12.77
CA TYR A 271 -11.32 -1.75 14.10
C TYR A 271 -11.58 -3.24 14.10
N GLY A 272 -12.01 -3.77 12.97
CA GLY A 272 -12.24 -5.19 12.92
C GLY A 272 -10.88 -5.81 13.10
N GLU A 273 -9.89 -5.22 12.44
CA GLU A 273 -8.52 -5.70 12.53
C GLU A 273 -7.96 -5.61 13.94
N LEU A 274 -8.09 -4.43 14.53
CA LEU A 274 -7.64 -4.21 15.88
C LEU A 274 -8.15 -5.35 16.75
N VAL A 275 -9.45 -5.65 16.62
CA VAL A 275 -10.05 -6.73 17.37
C VAL A 275 -9.29 -8.01 17.09
N ASP A 276 -9.20 -8.38 15.84
CA ASP A 276 -8.50 -9.61 15.54
C ASP A 276 -7.07 -9.59 16.00
N LEU A 277 -6.30 -8.57 15.64
CA LEU A 277 -4.91 -8.55 16.07
C LEU A 277 -4.84 -8.53 17.57
N GLY A 278 -5.75 -7.77 18.17
CA GLY A 278 -5.79 -7.68 19.61
C GLY A 278 -5.96 -9.05 20.22
N VAL A 279 -6.90 -9.83 19.69
CA VAL A 279 -7.14 -11.18 20.19
C VAL A 279 -5.91 -12.04 19.97
N LYS A 280 -5.46 -12.11 18.72
CA LYS A 280 -4.29 -12.90 18.33
C LYS A 280 -3.08 -12.64 19.24
N GLU A 281 -2.85 -11.36 19.54
CA GLU A 281 -1.73 -10.99 20.38
C GLU A 281 -2.10 -11.04 21.85
N LYS A 282 -3.21 -11.70 22.15
CA LYS A 282 -3.68 -11.84 23.54
C LYS A 282 -3.86 -10.54 24.31
N LEU A 283 -4.00 -9.42 23.61
CA LEU A 283 -4.22 -8.14 24.26
C LEU A 283 -5.69 -8.14 24.57
N ILE A 284 -6.46 -8.75 23.68
CA ILE A 284 -7.88 -8.78 23.89
C ILE A 284 -8.26 -10.19 24.22
N GLU A 285 -9.08 -10.30 25.26
CA GLU A 285 -9.63 -11.56 25.77
C GLU A 285 -10.96 -11.76 25.03
N LYS A 286 -11.18 -12.96 24.51
CA LYS A 286 -12.38 -13.26 23.73
C LYS A 286 -13.22 -14.34 24.38
N ALA A 287 -12.67 -14.96 25.43
CA ALA A 287 -13.31 -16.06 26.17
C ALA A 287 -14.61 -15.65 26.81
N GLY A 288 -15.21 -16.59 27.50
CA GLY A 288 -16.47 -16.35 28.19
C GLY A 288 -17.46 -15.63 27.32
N ALA A 289 -18.40 -14.95 27.98
CA ALA A 289 -19.46 -14.21 27.30
C ALA A 289 -19.06 -12.82 26.84
N TRP A 290 -17.86 -12.38 27.23
CA TRP A 290 -17.38 -11.05 26.85
C TRP A 290 -15.96 -10.90 26.32
N TYR A 291 -15.80 -9.97 25.41
CA TYR A 291 -14.49 -9.64 24.92
C TYR A 291 -14.10 -8.58 25.96
N SER A 292 -12.82 -8.49 26.28
CA SER A 292 -12.39 -7.52 27.25
C SER A 292 -10.96 -7.08 26.98
N TYR A 293 -10.62 -5.90 27.51
CA TYR A 293 -9.28 -5.38 27.40
C TYR A 293 -8.96 -4.92 28.81
N LYS A 294 -7.77 -5.27 29.29
CA LYS A 294 -7.33 -4.87 30.62
C LYS A 294 -8.41 -5.28 31.61
N GLY A 295 -9.02 -6.43 31.35
CA GLY A 295 -10.05 -6.92 32.23
C GLY A 295 -11.43 -6.30 32.13
N GLU A 296 -11.59 -5.22 31.37
CA GLU A 296 -12.90 -4.59 31.28
C GLU A 296 -13.68 -5.09 30.05
N LYS A 297 -14.99 -5.13 30.15
CA LYS A 297 -15.80 -5.59 29.04
C LYS A 297 -15.77 -4.57 27.92
N ILE A 298 -15.57 -5.02 26.68
CA ILE A 298 -15.59 -4.11 25.53
C ILE A 298 -16.74 -4.56 24.62
N GLY A 299 -17.21 -5.78 24.76
CA GLY A 299 -18.33 -6.20 23.95
C GLY A 299 -18.55 -7.69 23.83
N GLN A 300 -19.72 -8.05 23.32
CA GLN A 300 -20.06 -9.44 23.12
C GLN A 300 -19.94 -9.72 21.63
N GLY A 301 -18.92 -10.50 21.25
CA GLY A 301 -18.73 -10.81 19.85
C GLY A 301 -17.90 -9.78 19.11
N LYS A 302 -17.04 -10.24 18.21
CA LYS A 302 -16.18 -9.36 17.43
C LYS A 302 -16.90 -8.09 16.96
N ALA A 303 -18.16 -8.24 16.58
CA ALA A 303 -18.94 -7.12 16.07
C ALA A 303 -19.10 -5.99 17.07
N ASN A 304 -19.53 -6.32 18.28
CA ASN A 304 -19.69 -5.30 19.32
C ASN A 304 -18.33 -4.78 19.76
N ALA A 305 -17.38 -5.69 19.96
CA ALA A 305 -16.03 -5.31 20.37
C ALA A 305 -15.54 -4.21 19.44
N THR A 306 -15.72 -4.45 18.16
CA THR A 306 -15.30 -3.48 17.17
C THR A 306 -15.95 -2.13 17.44
N ALA A 307 -17.27 -2.12 17.40
CA ALA A 307 -18.05 -0.92 17.64
C ALA A 307 -17.53 -0.20 18.86
N TRP A 308 -17.32 -0.97 19.92
CA TRP A 308 -16.83 -0.40 21.14
C TRP A 308 -15.52 0.33 20.87
N LEU A 309 -14.54 -0.38 20.32
CA LEU A 309 -13.25 0.24 20.01
C LEU A 309 -13.43 1.54 19.24
N LYS A 310 -14.43 1.57 18.38
CA LYS A 310 -14.71 2.75 17.57
C LYS A 310 -15.17 3.90 18.47
N ASP A 311 -15.99 3.56 19.48
CA ASP A 311 -16.55 4.55 20.41
C ASP A 311 -15.62 4.86 21.58
N ASN A 312 -14.44 4.26 21.55
CA ASN A 312 -13.45 4.45 22.59
C ASN A 312 -12.10 4.53 21.91
N PRO A 313 -11.99 5.46 20.95
CA PRO A 313 -10.74 5.65 20.21
C PRO A 313 -9.50 5.68 21.09
N GLU A 314 -9.64 6.18 22.30
CA GLU A 314 -8.49 6.29 23.18
C GLU A 314 -7.91 4.93 23.54
N THR A 315 -8.80 4.01 23.86
CA THR A 315 -8.42 2.65 24.22
C THR A 315 -8.02 1.91 22.95
N ALA A 316 -8.72 2.20 21.85
CA ALA A 316 -8.42 1.59 20.58
C ALA A 316 -6.99 1.96 20.18
N LYS A 317 -6.60 3.20 20.47
CA LYS A 317 -5.27 3.71 20.15
C LYS A 317 -4.22 3.05 21.01
N GLU A 318 -4.58 2.78 22.27
CA GLU A 318 -3.69 2.13 23.21
C GLU A 318 -3.43 0.71 22.70
N ILE A 319 -4.48 0.05 22.22
CA ILE A 319 -4.33 -1.29 21.73
C ILE A 319 -3.54 -1.29 20.42
N GLU A 320 -3.86 -0.39 19.52
CA GLU A 320 -3.12 -0.33 18.26
C GLU A 320 -1.64 -0.16 18.57
N LYS A 321 -1.36 0.64 19.59
CA LYS A 321 0.00 0.91 19.94
C LYS A 321 0.72 -0.34 20.42
N LYS A 322 0.14 -1.11 21.33
CA LYS A 322 0.87 -2.28 21.79
C LYS A 322 0.91 -3.33 20.71
N VAL A 323 -0.05 -3.28 19.81
CA VAL A 323 -0.06 -4.26 18.74
C VAL A 323 1.11 -3.93 17.83
N ARG A 324 1.34 -2.65 17.60
CA ARG A 324 2.45 -2.27 16.74
C ARG A 324 3.77 -2.55 17.40
N GLU A 325 3.85 -2.31 18.71
CA GLU A 325 5.06 -2.57 19.44
C GLU A 325 5.26 -4.06 19.28
N LEU A 326 4.20 -4.79 19.53
CA LEU A 326 4.26 -6.22 19.42
C LEU A 326 4.54 -6.77 18.07
N LEU A 327 3.87 -6.25 17.04
CA LEU A 327 4.03 -6.82 15.71
C LEU A 327 4.87 -6.15 14.66
N LEU A 328 5.11 -4.85 14.78
CA LEU A 328 5.90 -4.19 13.75
C LEU A 328 7.30 -4.77 13.78
N SER A 329 7.98 -4.77 12.64
CA SER A 329 9.32 -5.33 12.59
C SER A 329 10.34 -4.27 12.93
N ASN A 330 10.45 -3.97 14.21
CA ASN A 330 11.43 -3.01 14.67
C ASN A 330 12.29 -3.72 15.69
N PRO A 331 13.52 -3.24 15.89
CA PRO A 331 14.37 -3.89 16.88
C PRO A 331 13.79 -3.67 18.28
N ASN A 332 13.67 -4.75 19.05
CA ASN A 332 13.12 -4.66 20.41
C ASN A 332 13.64 -5.80 21.29
MG MG B . -14.88 -12.79 28.63
#